data_6CIH
#
_entry.id   6CIH
#
_cell.length_a   163.639
_cell.length_b   255.361
_cell.length_c   136.786
_cell.angle_alpha   90.00
_cell.angle_beta   90.00
_cell.angle_gamma   90.00
#
_symmetry.space_group_name_H-M   'C 2 2 21'
#
loop_
_entity.id
_entity.type
_entity.pdbx_description
1 polymer 'RNA (696-MER)'
2 polymer "RNA (5'-R(P*UP*GP*UP*UP*UP*AP*UP*UP*AP*AP*AP*AP*AP*C*-3')"
3 non-polymer 'IRIDIUM HEXAMMINE ION'
4 non-polymer 'MAGNESIUM ION'
5 non-polymer 'SODIUM ION'
6 water water
#
loop_
_entity_poly.entity_id
_entity_poly.type
_entity_poly.pdbx_seq_one_letter_code
_entity_poly.pdbx_strand_id
1 'polyribonucleotide'
;GUGCGACAAGAAGUUCAGGAAGGGAUUGAGGUGAAAGUCCUCCUCCCGAAUCGUUCAUGGGAGAGUCUAUCCAGACUUGC
GUAGCGAGUAAUCGCUAGGUGAGAAGCUCUGGAGACAAUGUACCUGCCCUUCAAUUGGAGGUGCCAGGGCUAGGCUUUGU
UCCUAUGGCUAGCGAAAGCGAAUACAGGUUAUUAGGCGUCGUGAAAACAAAACUCUUUCGACAUAAGGGAGAGGCUCGUA
GAUGAGUUACCCUCCUUUUUAUGGGGUAACUGAACGAUCAAUAUCUACCGGCGUAGACUGUGAGCCUAAAGGAAACGAAU
GAAAGUGUCCCUUCCUGGGAACUUGGUAAGCCCAAUAGACUCCCUCUGGGAAACCAGAGGAGGAGUAAGAGCAAUCUUAC
UUAUCGUCUAGUGGGUAAAAGACAUAAUAGGAAGCAAAUGCUUGGUUGUAACGAUCGAGAUAGAAUCUGUUGAUUUAAGC
UGAAAGGCUGCAGACUUAUUAAAUGGGUGUUCUGCUGUAUGGCGUUCGCGCCUAAGCAGCAGAAUGCGUGAGCCGUGUGC
GAUGAAAGUCGCAAGCACGGUUCUGAUGGGGGGAAAACGAGAGAUCGUCUACCUAUCCAAC
;
A
2 'polyribonucleotide' UGUUUAUUAAAAAC B
#
loop_
_chem_comp.id
_chem_comp.type
_chem_comp.name
_chem_comp.formula
A RNA linking ADENOSINE-5'-MONOPHOSPHATE 'C10 H14 N5 O7 P'
C RNA linking CYTIDINE-5'-MONOPHOSPHATE 'C9 H14 N3 O8 P'
G RNA linking GUANOSINE-5'-MONOPHOSPHATE 'C10 H14 N5 O8 P'
IRI non-polymer 'IRIDIUM HEXAMMINE ION' 'H18 Ir N6 3'
MG non-polymer 'MAGNESIUM ION' 'Mg 2'
NA non-polymer 'SODIUM ION' 'Na 1'
U RNA linking URIDINE-5'-MONOPHOSPHATE 'C9 H13 N2 O9 P'
#
# COMPACT_ATOMS: atom_id res chain seq x y z
IR IRI C . -9.10 -21.30 19.40
N1 IRI C . -10.31 -20.36 21.05
N2 IRI C . -8.31 -22.87 20.79
N3 IRI C . -7.89 -22.18 17.72
N4 IRI C . -9.91 -19.74 18.01
N5 IRI C . -10.79 -22.63 18.77
N6 IRI C . -7.41 -19.97 20.06
IR IRI D . -15.29 8.61 2.91
N1 IRI D . -15.63 9.84 1.06
N2 IRI D . -13.09 9.03 3.03
N3 IRI D . -15.04 7.42 4.80
N4 IRI D . -17.50 8.21 2.81
N5 IRI D . -14.83 6.74 1.74
N6 IRI D . -15.70 10.49 4.06
IR IRI E . 7.76 -14.10 32.85
N1 IRI E . 6.10 -12.68 32.33
N2 IRI E . 8.79 -12.46 34.01
N3 IRI E . 9.43 -15.51 33.36
N4 IRI E . 6.76 -15.72 31.66
N5 IRI E . 8.88 -13.51 30.99
N6 IRI E . 6.65 -14.69 34.70
IR IRI F . -12.20 35.21 9.69
N1 IRI F . -12.13 37.25 8.77
N2 IRI F . -14.17 35.71 10.66
N3 IRI F . -12.30 33.16 10.60
N4 IRI F . -10.21 34.75 8.74
N5 IRI F . -11.13 35.99 11.51
N6 IRI F . -13.23 34.40 7.87
IR IRI G . -19.62 44.19 -25.53
N1 IRI G . -18.05 43.77 -23.98
N2 IRI G . -18.17 45.54 -26.59
N3 IRI G . -21.16 44.65 -27.10
N4 IRI G . -21.04 42.80 -24.49
N5 IRI G . -20.32 45.89 -24.23
N6 IRI G . -18.91 42.46 -26.79
IR IRI H . -4.82 -25.41 -28.01
N1 IRI H . -5.09 -26.81 -29.73
N2 IRI H . -2.61 -25.74 -28.11
N3 IRI H . -4.61 -23.97 -26.29
N4 IRI H . -7.04 -25.07 -27.90
N5 IRI H . -4.94 -27.10 -26.54
N6 IRI H . -4.68 -23.70 -29.47
IR IRI I . -5.27 -25.30 6.69
N1 IRI I . -6.20 -26.96 5.50
N2 IRI I . -3.77 -26.58 7.74
N3 IRI I . -4.31 -23.63 7.83
N4 IRI I . -6.75 -24.10 5.56
N5 IRI I . -6.82 -25.49 8.29
N6 IRI I . -3.65 -25.20 5.15
IR IRI J . -2.84 -8.52 -10.84
N1 IRI J . -2.93 -6.76 -12.24
N2 IRI J . -4.74 -7.81 -9.87
N3 IRI J . -2.79 -10.34 -9.54
N4 IRI J . -0.92 -9.27 -11.69
N5 IRI J . -1.60 -7.23 -9.48
N6 IRI J . -4.04 -9.78 -12.27
IR IRI K . -27.66 13.51 13.50
N1 IRI K . -26.87 12.96 11.48
N2 IRI K . -26.21 15.21 13.66
N3 IRI K . -28.46 14.05 15.53
N4 IRI K . -29.10 11.79 13.42
N5 IRI K . -26.11 12.31 14.56
N6 IRI K . -29.21 14.73 12.41
IR IRI L . -23.57 15.98 6.88
N1 IRI L . -21.63 14.92 7.13
N2 IRI L . -23.07 17.54 8.39
N3 IRI L . -25.52 17.04 6.69
N4 IRI L . -24.07 14.41 5.37
N5 IRI L . -24.30 14.63 8.51
N6 IRI L . -22.89 17.37 5.28
IR IRI M . 12.69 13.17 34.32
N1 IRI M . 13.95 14.36 35.75
N2 IRI M . 11.05 13.05 35.87
N3 IRI M . 11.43 12.00 32.89
N4 IRI M . 14.33 13.28 32.79
N5 IRI M . 13.53 11.21 35.04
N6 IRI M . 11.84 15.12 33.60
IR IRI N . -14.94 36.08 16.57
N1 IRI N . -14.34 35.17 14.60
N2 IRI N . -15.78 37.85 15.49
N3 IRI N . -15.53 36.96 18.55
N4 IRI N . -14.10 34.28 17.64
N5 IRI N . -12.92 37.06 16.77
N6 IRI N . -16.94 35.09 16.39
IR IRI O . 5.02 11.59 -29.42
N1 IRI O . 2.90 12.30 -29.70
N2 IRI O . 5.48 12.32 -31.50
N3 IRI O . 7.13 10.86 -29.09
N4 IRI O . 4.56 10.86 -27.35
N5 IRI O . 4.43 9.60 -30.28
N6 IRI O . 5.61 13.57 -28.55
IR IRI P . 30.46 6.68 -27.24
N1 IRI P . 31.37 8.64 -27.87
N2 IRI P . 28.49 7.71 -26.89
N3 IRI P . 29.53 4.73 -26.65
N4 IRI P . 32.40 5.61 -27.58
N5 IRI P . 31.07 7.14 -25.13
N6 IRI P . 29.87 6.26 -29.37
IR IRI Q . 42.65 -7.30 -32.71
N1 IRI Q . 42.14 -8.42 -30.84
N2 IRI Q . 42.41 -9.19 -33.90
N3 IRI Q . 43.15 -6.16 -34.58
N4 IRI Q . 42.88 -5.41 -31.53
N5 IRI Q . 44.79 -7.87 -32.32
N6 IRI Q . 40.48 -6.80 -33.06
IR IRI R . 55.45 -13.47 -53.45
N1 IRI R . 56.22 -13.13 -55.53
N2 IRI R . 53.86 -11.91 -53.77
N3 IRI R . 54.70 -13.76 -51.36
N4 IRI R . 57.00 -15.05 -53.13
N5 IRI R . 56.87 -11.92 -52.64
N6 IRI R . 54.04 -15.02 -54.27
IR IRI S . 15.37 -24.83 -22.20
N1 IRI S . 17.20 -24.39 -23.42
N2 IRI S . 15.62 -27.04 -22.46
N3 IRI S . 13.51 -25.27 -21.01
N4 IRI S . 15.07 -22.63 -21.90
N5 IRI S . 14.11 -24.87 -24.07
N6 IRI S . 16.58 -24.79 -20.31
IR IRI T . 10.69 -21.06 -7.48
N1 IRI T . 11.89 -19.33 -6.68
N2 IRI T . 9.62 -20.99 -5.50
N3 IRI T . 9.51 -22.80 -8.27
N4 IRI T . 11.74 -21.10 -9.47
N5 IRI T . 12.15 -22.54 -6.63
N6 IRI T . 9.21 -19.60 -8.33
IR IRI U . 9.70 -15.65 -1.49
N1 IRI U . 10.47 -16.91 -3.18
N2 IRI U . 11.50 -14.31 -1.48
N3 IRI U . 8.95 -14.36 0.18
N4 IRI U . 7.87 -16.95 -1.46
N5 IRI U . 10.71 -17.01 -0.01
N6 IRI U . 8.65 -14.33 -2.98
IR IRI V . 25.65 -13.01 7.54
N1 IRI V . 27.14 -12.01 8.89
N2 IRI V . 27.16 -14.56 6.92
N3 IRI V . 24.15 -14.01 6.18
N4 IRI V . 24.15 -11.47 8.20
N5 IRI V . 26.26 -11.63 5.87
N6 IRI V . 25.04 -14.39 9.21
IR IRI W . -39.72 7.87 10.88
N1 IRI W . -38.14 7.74 12.48
N2 IRI W . -39.81 5.63 10.83
N3 IRI W . -41.26 8.02 9.25
N4 IRI W . -39.65 10.11 10.96
N5 IRI W . -38.14 7.78 9.28
N6 IRI W . -41.27 7.94 12.49
IR IRI X . -41.31 5.39 16.30
N1 IRI X . -39.68 4.42 17.53
N2 IRI X . -42.78 5.05 17.97
N3 IRI X . -42.95 6.35 15.12
N4 IRI X . -39.84 5.72 14.62
N5 IRI X . -41.81 3.39 15.41
N6 IRI X . -40.78 7.40 17.16
IR IRI Y . -25.71 -5.87 37.89
N1 IRI Y . -27.44 -6.34 39.25
N2 IRI Y . -24.35 -7.01 39.28
N3 IRI Y . -23.98 -5.40 36.55
N4 IRI Y . -27.11 -4.77 36.51
N5 IRI Y . -25.28 -4.01 39.07
N6 IRI Y . -26.16 -7.74 36.72
IR IRI Z . -19.82 -23.89 39.80
N1 IRI Z . -19.64 -25.77 41.02
N2 IRI Z . -18.47 -24.81 38.26
N3 IRI Z . -20.03 -22.02 38.57
N4 IRI Z . -21.12 -22.90 41.35
N5 IRI Z . -18.11 -23.02 40.98
N6 IRI Z . -21.56 -24.79 38.70
IR IRI AA . -26.18 -20.13 -19.18
N1 IRI AA . -26.40 -21.21 -17.22
N2 IRI AA . -24.59 -18.88 -18.19
N3 IRI AA . -25.98 -19.01 -21.12
N4 IRI AA . -27.72 -21.44 -20.17
N5 IRI AA . -27.78 -18.68 -18.54
N6 IRI AA . -24.61 -21.58 -19.87
IR IRI BA . -21.07 -32.54 -16.53
N1 IRI BA . -19.34 -31.61 -17.60
N2 IRI BA . -19.72 -34.18 -15.79
N3 IRI BA . -22.81 -33.45 -15.43
N4 IRI BA . -22.45 -30.93 -17.28
N5 IRI BA . -21.57 -33.80 -18.33
N6 IRI BA . -20.58 -31.26 -14.74
IR IRI CA . -13.09 -40.17 -30.56
N1 IRI CA . -13.19 -40.54 -32.78
N2 IRI CA . -15.21 -39.43 -30.66
N3 IRI CA . -13.01 -39.83 -28.35
N4 IRI CA . -10.97 -40.91 -30.54
N5 IRI CA . -12.44 -38.04 -30.84
N6 IRI CA . -13.73 -42.30 -30.22
IR IRI DA . 18.53 9.39 -19.90
N1 IRI DA . 16.95 10.37 -18.63
N2 IRI DA . 20.12 10.35 -18.64
N3 IRI DA . 20.11 8.42 -21.17
N4 IRI DA . 16.95 8.43 -21.19
N5 IRI DA . 18.58 11.16 -21.29
N6 IRI DA . 18.44 7.63 -18.51
IR IRI EA . 48.17 -13.43 -38.06
N1 IRI EA . 48.28 -11.32 -37.28
N2 IRI EA . 46.01 -13.13 -38.62
N3 IRI EA . 48.07 -15.53 -38.86
N4 IRI EA . 50.33 -13.72 -37.53
N5 IRI EA . 47.61 -14.12 -36.01
N6 IRI EA . 48.71 -12.72 -40.13
IR IRI FA . 36.95 -7.66 -26.05
N1 IRI FA . 35.67 -6.05 -26.97
N2 IRI FA . 35.35 -8.08 -24.53
N3 IRI FA . 38.29 -9.23 -25.16
N4 IRI FA . 38.56 -7.28 -27.57
N5 IRI FA . 37.85 -6.17 -24.65
N6 IRI FA . 36.01 -9.16 -27.44
IR IRI GA . 4.74 73.81 29.04
N1 IRI GA . 3.77 74.12 31.06
N2 IRI GA . 3.54 71.93 28.76
N3 IRI GA . 5.70 73.52 27.04
N4 IRI GA . 5.92 75.71 29.32
N5 IRI GA . 6.38 72.63 30.02
N6 IRI GA . 3.09 75.02 28.08
IR IRI HA . -4.16 17.39 29.09
N1 IRI HA . -6.19 18.36 29.03
N2 IRI HA . -4.33 17.21 31.33
N3 IRI HA . -2.14 16.42 29.15
N4 IRI HA . -3.98 17.58 26.87
N5 IRI HA . -3.25 19.44 29.34
N6 IRI HA . -5.10 15.37 28.84
IR IRI IA . -8.45 19.38 33.20
N1 IRI IA . -9.74 18.33 34.71
N2 IRI IA . -6.64 19.05 34.49
N3 IRI IA . -7.15 20.43 31.69
N4 IRI IA . -10.26 19.72 31.90
N5 IRI IA . -8.86 21.31 34.29
N6 IRI IA . -8.05 17.44 32.12
IR IRI JA . -25.87 -11.44 -17.15
N1 IRI JA . -24.87 -12.53 -15.45
N2 IRI JA . -26.29 -13.44 -18.09
N3 IRI JA . -26.91 -10.40 -18.84
N4 IRI JA . -25.40 -9.45 -16.22
N5 IRI JA . -23.89 -11.22 -18.19
N6 IRI JA . -27.85 -11.60 -16.09
IR IRI KA . 34.53 -5.31 -7.49
N1 IRI KA . 35.92 -4.66 -5.83
N2 IRI KA . 33.99 -7.21 -6.40
N3 IRI KA . 33.21 -5.92 -9.21
N4 IRI KA . 35.06 -3.41 -8.57
N5 IRI KA . 32.77 -4.32 -6.51
N6 IRI KA . 36.28 -6.36 -8.43
IR IRI LA . 35.82 -35.61 -16.05
N1 IRI LA . 34.24 -36.32 -17.49
N2 IRI LA . 37.39 -36.66 -17.28
N3 IRI LA . 37.36 -34.85 -14.59
N4 IRI LA . 34.24 -34.64 -14.78
N5 IRI LA . 36.12 -33.70 -17.20
N6 IRI LA . 35.55 -37.52 -14.87
MG MG MA . -0.46 6.39 -3.25
MG MG NA . -0.79 5.56 0.25
MG MG OA . 10.60 -6.84 -3.96
MG MG PA . -0.67 -12.42 -4.49
MG MG QA . 21.63 -16.39 -46.79
MG MG RA . -12.03 -1.24 -0.73
MG MG SA . -23.23 51.05 -28.51
MG MG TA . 18.54 -21.04 -31.51
MG MG UA . 2.90 -18.28 11.56
MG MG VA . -18.80 44.10 35.45
MG MG WA . -34.80 10.76 1.28
MG MG XA . -9.26 -11.81 50.09
MG MG YA . 10.11 -18.19 -32.13
MG MG ZA . -13.85 -1.68 11.22
MG MG AB . -13.75 1.58 52.65
MG MG BB . -15.32 18.25 -3.11
MG MG CB . -8.68 30.10 25.69
MG MG DB . -14.27 30.33 21.79
MG MG EB . 43.26 -22.28 -47.43
MG MG FB . 48.37 -4.94 -31.11
MG MG GB . 22.69 10.70 32.55
MG MG HB . -32.51 2.11 14.42
MG MG IB . -9.01 -38.75 -10.39
MG MG JB . -14.15 -36.41 -12.19
MG MG KB . -38.35 -12.83 39.70
MG MG LB . 12.09 -40.44 -34.90
MG MG MB . -11.94 -2.81 12.59
MG MG NB . -0.84 -30.46 -17.01
MG MG OB . 9.29 5.97 -26.86
MG MG PB . 13.31 21.91 23.06
MG MG QB . -22.67 -18.77 28.25
MG MG RB . -3.74 -32.14 7.51
MG MG SB . 1.57 29.48 -28.53
MG MG TB . 3.01 -1.24 -17.02
MG MG UB . -23.58 -29.42 -11.19
NA NA VB . -0.01 3.90 -6.11
NA NA WB . 3.21 -3.43 33.16
NA NA XB . -32.54 -15.82 -7.59
NA NA YB . 34.26 -14.79 -4.51
NA NA ZB . 20.42 8.23 -37.75
NA NA AC . -0.99 -7.82 43.49
NA NA BC . -0.73 35.35 3.36
NA NA CC . 1.24 18.88 -28.08
NA NA DC . 41.24 -19.26 -58.68
MG MG EC . -6.91 -21.05 -2.15
MG MG FC . -2.93 -17.98 -27.65
MG MG GC . 15.03 -16.33 -31.98
MG MG HC . 37.96 -0.82 -29.97
MG MG IC . -8.92 8.98 24.46
MG MG JC . -9.90 -2.03 20.45
MG MG KC . 15.06 10.41 31.25
MG MG LC . 48.06 -16.78 -46.36
MG MG MC . -1.18 -19.55 19.51
MG MG NC . 17.91 -7.90 15.01
MG MG OC . -11.42 20.81 37.33
MG MG PC . -9.47 5.14 3.20
MG MG QC . 1.95 -10.12 11.56
MG MG RC . -1.88 -4.19 36.64
MG MG SC . 60.08 -16.05 -58.52
MG MG TC . 30.44 -2.52 -37.66
MG MG UC . -30.10 -10.16 36.24
MG MG VC . -23.44 25.73 -3.97
MG MG WC . 2.13 38.98 -31.22
MG MG XC . 37.38 -25.52 -13.15
MG MG YC . -24.90 14.93 -8.79
MG MG ZC . 0.75 -22.95 -29.60
MG MG AD . 11.61 -37.17 -44.06
MG MG BD . -20.15 0.58 -18.26
MG MG CD . -11.94 -19.44 51.09
MG MG DD . -9.28 -2.61 -11.57
MG MG ED . 5.97 -0.94 5.12
MG MG FD . -20.61 -22.09 -15.64
MG MG GD . 9.56 7.42 38.11
MG MG HD . -28.37 -0.83 30.61
MG MG ID . 9.34 -13.75 24.37
MG MG JD . -12.32 -6.01 48.43
MG MG KD . 24.74 9.45 -24.55
MG MG LD . 4.91 -27.23 17.20
MG MG MD . -7.23 10.72 55.03
MG MG ND . 22.37 -14.75 -6.94
MG MG OD . -16.76 -26.48 57.15
MG MG PD . -17.45 38.06 10.80
MG MG QD . -31.58 -6.39 -14.51
MG MG RD . 10.76 -28.94 -25.59
MG MG SD . -9.86 37.74 -36.94
MG MG TD . 43.13 10.93 -46.50
IR IRI UD . -12.27 -25.06 54.73
N1 IRI UD . -10.54 -25.84 53.53
N2 IRI UD . -10.88 -23.77 55.93
N3 IRI UD . -14.00 -24.30 55.94
N4 IRI UD . -13.65 -26.38 53.52
N5 IRI UD . -12.54 -23.35 53.30
N6 IRI UD . -11.96 -26.77 56.15
IR IRI VD . -15.93 59.21 -34.27
N1 IRI VD . -16.04 58.03 -36.19
N2 IRI VD . -14.79 60.85 -35.30
N3 IRI VD . -15.77 60.39 -32.37
N4 IRI VD . -17.07 57.55 -33.29
N5 IRI VD . -17.89 60.19 -34.75
N6 IRI VD . -13.97 58.22 -33.78
IR IRI WD . -11.33 -26.22 31.57
N1 IRI WD . -11.21 -24.17 30.65
N2 IRI WD . -11.71 -27.03 29.51
N3 IRI WD . -11.48 -28.28 32.46
N4 IRI WD . -10.98 -25.40 33.63
N5 IRI WD . -9.10 -26.35 31.44
N6 IRI WD . -13.57 -26.03 31.64
IR IRI XD . 6.38 58.28 28.82
N1 IRI XD . 6.80 59.70 27.12
N2 IRI XD . 5.10 56.98 27.50
N3 IRI XD . 5.96 56.90 30.53
N4 IRI XD . 7.64 59.59 30.15
N5 IRI XD . 8.21 57.10 28.27
N6 IRI XD . 4.55 59.48 29.35
IR IRI YD . -15.22 41.08 28.92
N1 IRI YD . -15.18 41.01 31.17
N2 IRI YD . -16.11 39.02 28.86
N3 IRI YD . -15.26 41.16 26.67
N4 IRI YD . -14.33 43.14 28.99
N5 IRI YD . -17.29 41.96 29.01
N6 IRI YD . -13.16 40.20 28.85
MG MG ZD . -25.35 -37.07 -16.94
MG MG AE . 30.40 -16.93 -29.01
MG MG BE . 35.26 -8.93 -44.06
MG MG CE . 14.99 -19.02 -12.93
MG MG DE . -19.17 -21.95 -3.74
MG MG EE . 10.48 -5.50 -26.29
MG MG FE . -0.77 32.86 -17.81
MG MG GE . 1.82 34.96 17.62
MG MG HE . 3.47 30.36 21.91
#